data_9NTO
#
_entry.id   9NTO
#
_cell.length_a   92.664
_cell.length_b   58.219
_cell.length_c   89.228
_cell.angle_alpha   90.000
_cell.angle_beta   90.000
_cell.angle_gamma   90.000
#
_symmetry.space_group_name_H-M   'P 21 21 2'
#
loop_
_entity.id
_entity.type
_entity.pdbx_description
1 polymer CdnD
2 polymer Cap9
3 non-polymer 'ADENOSINE MONOPHOSPHATE'
4 non-polymer '2-amino-4-oxo-4,7-dihydro-3H-pyrrolo[2,3-d]pyrimidine-5-carboxylic acid'
5 non-polymer 'ZINC ION'
6 non-polymer ADENOSINE
7 water water
#
loop_
_entity_poly.entity_id
_entity_poly.type
_entity_poly.pdbx_seq_one_letter_code
_entity_poly.pdbx_strand_id
1 'polypeptide(L)'
;GGSGGSFGSGFDPRDISRQVRDAEKKLGDEAFGAKIADLFTGLLGDYNNRDTSLVRQRIDDMLEGLRDVAEGELDLVFGG
SVAKRTYVDGLSDVDCLVIVNDTALEAAGPHAARDLVAKELAAKLAGKAEVSAGKLAVTVRYGDGMEIQLLPAVRTEAGV
KIPSARVDGRWSEIDPGKFQQALTKYNKACAGKLVPAVKLAKAVIAQLPDAHQLSGYHIESLAIDAFRNYTGTMTPAAML
PHFFEHAKERVLRPMTDRTGQSVHVDGYMGDAHSDARKTASHLLGRLAKRMANATAARSLPQWEDLFGADEGSSHHHHHH
;
A
2 'polypeptide(L)'
;MANPTIQTDTAEAAVLLSGGMDSAACAHMLLRKGYRVRGLFIDFGQAAVAPEATAVSTLANILGIAVTTISASAPNRFGS
GELVGRNAFLVMSGIFLGGAHSGLIAIGIHAGTPYYDCSPPFLSRMKQVAQEHTSGRLDVVAPLLDWHKPDIYSYFQRSG
LPIEATYSCESGTIPPCGSCASCRDRRALGC
;
B
#
loop_
_chem_comp.id
_chem_comp.type
_chem_comp.name
_chem_comp.formula
2KA non-polymer '2-amino-4-oxo-4,7-dihydro-3H-pyrrolo[2,3-d]pyrimidine-5-carboxylic acid' 'C7 H6 N4 O3'
ADN non-polymer ADENOSINE 'C10 H13 N5 O4'
AMP non-polymer 'ADENOSINE MONOPHOSPHATE' 'C10 H14 N5 O7 P'
ZN non-polymer 'ZINC ION' 'Zn 2'
#
# COMPACT_ATOMS: atom_id res chain seq x y z
N GLY A 1 -2.24 -22.56 18.14
CA GLY A 1 -1.18 -23.31 17.48
C GLY A 1 -1.46 -24.81 17.38
N GLY A 2 -2.08 -25.38 18.40
CA GLY A 2 -2.30 -26.83 18.45
C GLY A 2 -3.38 -27.36 17.52
N SER A 3 -3.10 -28.50 16.89
CA SER A 3 -4.08 -29.18 16.06
C SER A 3 -4.69 -30.40 16.72
N GLY A 4 -4.15 -30.83 17.86
CA GLY A 4 -4.74 -31.93 18.60
C GLY A 4 -4.50 -33.30 18.01
N GLY A 5 -3.38 -33.49 17.32
CA GLY A 5 -3.12 -34.74 16.63
C GLY A 5 -3.95 -34.91 15.38
N SER A 6 -4.30 -33.80 14.71
CA SER A 6 -5.14 -33.84 13.51
C SER A 6 -4.30 -34.13 12.27
N PHE A 7 -3.58 -35.25 12.32
CA PHE A 7 -2.70 -35.67 11.23
C PHE A 7 -2.33 -37.15 11.36
N ILE A 16 9.79 -32.67 1.73
CA ILE A 16 9.65 -31.35 2.33
C ILE A 16 10.47 -30.34 1.53
N SER A 17 11.34 -30.85 0.66
CA SER A 17 12.21 -29.97 -0.12
C SER A 17 11.40 -29.05 -1.03
N ARG A 18 10.29 -29.55 -1.59
CA ARG A 18 9.42 -28.70 -2.39
C ARG A 18 8.77 -27.63 -1.52
N GLN A 19 8.27 -28.02 -0.34
CA GLN A 19 7.63 -27.05 0.55
C GLN A 19 8.61 -25.97 1.00
N VAL A 20 9.88 -26.35 1.23
CA VAL A 20 10.87 -25.38 1.67
C VAL A 20 11.17 -24.38 0.58
N ARG A 21 11.34 -24.85 -0.66
CA ARG A 21 11.60 -23.94 -1.77
C ARG A 21 10.41 -23.02 -2.01
N ASP A 22 9.19 -23.55 -1.91
CA ASP A 22 8.00 -22.73 -2.08
C ASP A 22 7.93 -21.66 -1.01
N ALA A 23 8.30 -22.00 0.22
CA ALA A 23 8.24 -21.03 1.31
C ALA A 23 9.27 -19.93 1.11
N GLU A 24 10.51 -20.30 0.77
CA GLU A 24 11.53 -19.30 0.50
C GLU A 24 11.15 -18.44 -0.70
N LYS A 25 10.55 -19.05 -1.72
CA LYS A 25 10.13 -18.28 -2.88
C LYS A 25 9.08 -17.24 -2.51
N LYS A 26 8.11 -17.62 -1.67
CA LYS A 26 7.07 -16.67 -1.28
C LYS A 26 7.64 -15.56 -0.41
N LEU A 27 8.52 -15.91 0.54
CA LEU A 27 9.19 -14.91 1.35
C LEU A 27 9.92 -13.89 0.48
N GLY A 28 10.59 -14.37 -0.58
CA GLY A 28 11.23 -13.44 -1.49
C GLY A 28 10.26 -12.48 -2.14
N ASP A 29 9.09 -12.98 -2.56
CA ASP A 29 8.09 -12.10 -3.15
C ASP A 29 7.55 -11.11 -2.12
N GLU A 30 7.33 -11.56 -0.89
CA GLU A 30 6.84 -10.66 0.14
C GLU A 30 7.86 -9.60 0.50
N ALA A 31 9.14 -9.96 0.47
CA ALA A 31 10.19 -8.97 0.74
C ALA A 31 10.29 -7.96 -0.41
N PHE A 32 10.16 -8.42 -1.66
CA PHE A 32 10.21 -7.49 -2.78
C PHE A 32 9.03 -6.53 -2.74
N GLY A 33 7.85 -7.02 -2.37
CA GLY A 33 6.69 -6.14 -2.26
C GLY A 33 6.93 -4.98 -1.30
N ALA A 34 7.60 -5.25 -0.18
CA ALA A 34 7.92 -4.19 0.75
C ALA A 34 8.98 -3.25 0.19
N LYS A 35 9.86 -3.77 -0.66
CA LYS A 35 10.90 -2.93 -1.26
C LYS A 35 10.28 -1.96 -2.27
N ILE A 36 9.40 -2.46 -3.13
CA ILE A 36 8.71 -1.60 -4.09
C ILE A 36 7.87 -0.56 -3.37
N ALA A 37 7.30 -0.95 -2.23
CA ALA A 37 6.51 0.02 -1.46
C ALA A 37 7.38 1.18 -0.98
N ASP A 38 8.64 0.90 -0.65
CA ASP A 38 9.55 1.99 -0.29
C ASP A 38 9.88 2.86 -1.49
N LEU A 39 10.02 2.24 -2.67
CA LEU A 39 10.20 3.01 -3.89
C LEU A 39 9.02 3.96 -4.11
N PHE A 40 7.80 3.44 -3.96
CA PHE A 40 6.62 4.28 -4.16
C PHE A 40 6.55 5.37 -3.10
N THR A 41 6.93 5.04 -1.86
CA THR A 41 6.89 6.03 -0.78
C THR A 41 7.84 7.18 -1.07
N GLY A 42 9.07 6.87 -1.49
CA GLY A 42 10.00 7.93 -1.85
C GLY A 42 9.50 8.77 -3.01
N LEU A 43 8.92 8.13 -4.03
CA LEU A 43 8.35 8.89 -5.14
C LEU A 43 7.22 9.80 -4.69
N LEU A 44 6.47 9.40 -3.67
CA LEU A 44 5.36 10.18 -3.16
C LEU A 44 5.75 11.07 -1.99
N GLY A 45 7.05 11.25 -1.75
CA GLY A 45 7.48 11.97 -0.56
C GLY A 45 7.06 13.43 -0.57
N ASP A 46 7.22 14.11 -1.71
CA ASP A 46 6.90 15.52 -1.77
C ASP A 46 5.41 15.76 -1.59
N TYR A 47 4.57 14.90 -2.17
CA TYR A 47 3.13 15.04 -1.97
C TYR A 47 2.74 14.75 -0.53
N ASN A 48 3.23 13.64 0.02
CA ASN A 48 2.81 13.23 1.36
C ASN A 48 3.35 14.14 2.46
N ASN A 49 4.43 14.86 2.20
CA ASN A 49 5.03 15.74 3.21
C ASN A 49 4.67 17.20 2.99
N ARG A 50 3.87 17.51 1.97
CA ARG A 50 3.53 18.90 1.67
C ARG A 50 2.72 19.52 2.80
N ASP A 51 3.08 20.75 3.16
CA ASP A 51 2.34 21.49 4.18
C ASP A 51 1.10 22.07 3.53
N THR A 52 0.03 21.25 3.47
CA THR A 52 -1.20 21.69 2.84
C THR A 52 -1.84 22.85 3.60
N SER A 53 -1.66 22.90 4.92
CA SER A 53 -2.15 24.05 5.68
C SER A 53 -1.50 25.34 5.20
N LEU A 54 -0.19 25.29 4.90
CA LEU A 54 0.50 26.48 4.42
C LEU A 54 0.10 26.82 2.99
N VAL A 55 -0.17 25.80 2.17
CA VAL A 55 -0.63 26.05 0.80
C VAL A 55 -1.97 26.77 0.82
N ARG A 56 -2.89 26.32 1.67
CA ARG A 56 -4.21 26.94 1.73
C ARG A 56 -4.11 28.39 2.18
N GLN A 57 -3.25 28.68 3.17
CA GLN A 57 -3.10 30.05 3.64
C GLN A 57 -2.50 30.94 2.57
N ARG A 58 -1.46 30.46 1.88
CA ARG A 58 -0.80 31.29 0.88
C ARG A 58 -1.70 31.53 -0.33
N ILE A 59 -2.60 30.60 -0.63
CA ILE A 59 -3.59 30.84 -1.67
C ILE A 59 -4.45 32.03 -1.30
N ASP A 60 -4.86 32.13 -0.03
CA ASP A 60 -5.64 33.29 0.41
C ASP A 60 -4.82 34.56 0.37
N ASP A 61 -3.52 34.46 0.66
CA ASP A 61 -2.66 35.64 0.68
C ASP A 61 -2.49 36.22 -0.72
N MET A 62 -2.14 35.37 -1.70
CA MET A 62 -1.93 35.86 -3.05
C MET A 62 -3.23 36.32 -3.71
N LEU A 63 -4.35 35.75 -3.29
CA LEU A 63 -5.65 36.08 -3.89
C LEU A 63 -6.56 36.78 -2.88
N VAL A 69 -8.25 36.67 -11.09
CA VAL A 69 -9.04 37.77 -10.55
C VAL A 69 -9.88 37.27 -9.38
N ALA A 70 -10.16 35.96 -9.38
CA ALA A 70 -10.91 35.34 -8.29
C ALA A 70 -10.60 33.84 -8.29
N GLU A 71 -10.58 33.26 -7.10
CA GLU A 71 -10.35 31.83 -6.96
C GLU A 71 -11.67 31.07 -6.96
N GLY A 72 -11.68 29.92 -7.61
CA GLY A 72 -12.85 29.07 -7.59
C GLY A 72 -13.08 28.44 -6.23
N GLU A 73 -14.32 28.01 -6.01
CA GLU A 73 -14.71 27.36 -4.77
C GLU A 73 -14.36 25.86 -4.76
N LEU A 74 -13.42 25.44 -5.59
CA LEU A 74 -13.01 24.04 -5.66
C LEU A 74 -11.83 23.82 -4.72
N ASP A 75 -12.06 23.03 -3.67
CA ASP A 75 -10.99 22.65 -2.73
C ASP A 75 -10.20 21.50 -3.35
N LEU A 76 -8.95 21.78 -3.73
CA LEU A 76 -8.12 20.79 -4.42
C LEU A 76 -6.85 20.50 -3.66
N VAL A 77 -5.94 21.48 -3.54
CA VAL A 77 -4.63 21.36 -2.89
C VAL A 77 -3.94 20.05 -3.26
N PHE A 78 -3.99 19.71 -4.55
CA PHE A 78 -3.37 18.50 -5.08
C PHE A 78 -2.05 18.79 -5.82
N GLY A 79 -1.34 19.85 -5.43
CA GLY A 79 -0.27 20.35 -6.26
C GLY A 79 1.09 19.74 -6.06
N GLY A 80 1.25 18.80 -5.13
CA GLY A 80 2.56 18.23 -4.88
C GLY A 80 3.01 17.34 -6.03
N SER A 81 4.24 17.54 -6.50
CA SER A 81 4.77 16.74 -7.59
C SER A 81 5.26 15.39 -7.08
N VAL A 82 5.22 14.39 -7.96
CA VAL A 82 5.67 13.04 -7.64
C VAL A 82 6.51 12.49 -8.78
N ALA A 83 7.40 11.57 -8.43
CA ALA A 83 8.18 10.78 -9.41
C ALA A 83 8.92 11.67 -10.40
N LYS A 84 9.27 12.89 -9.97
CA LYS A 84 9.98 13.89 -10.78
C LYS A 84 9.19 14.33 -12.01
N ARG A 85 7.92 13.94 -12.12
CA ARG A 85 7.07 14.42 -13.20
C ARG A 85 6.56 15.80 -12.83
N THR A 86 7.15 16.83 -13.43
CA THR A 86 6.76 18.20 -13.16
C THR A 86 5.79 18.71 -14.23
N TYR A 87 4.68 17.99 -14.36
CA TYR A 87 3.63 18.32 -15.30
C TYR A 87 2.32 18.60 -14.56
N VAL A 88 1.47 19.38 -15.20
CA VAL A 88 0.14 19.69 -14.71
C VAL A 88 -0.83 19.47 -15.85
N ASP A 89 -1.63 18.39 -15.77
CA ASP A 89 -2.55 18.05 -16.86
C ASP A 89 -3.92 17.61 -16.38
N GLY A 90 -4.20 17.62 -15.08
CA GLY A 90 -5.50 17.27 -14.56
C GLY A 90 -5.80 18.06 -13.31
N LEU A 91 -7.02 17.86 -12.79
CA LEU A 91 -7.39 18.53 -11.54
C LEU A 91 -6.59 18.02 -10.36
N SER A 92 -6.16 16.76 -10.41
CA SER A 92 -5.37 16.19 -9.31
C SER A 92 -3.92 16.66 -9.32
N ASP A 93 -3.58 17.63 -10.16
CA ASP A 93 -2.24 18.22 -10.19
C ASP A 93 -2.23 19.68 -9.76
N VAL A 94 -3.39 20.29 -9.54
CA VAL A 94 -3.48 21.71 -9.25
C VAL A 94 -3.90 21.90 -7.79
N ASP A 95 -3.64 23.09 -7.28
CA ASP A 95 -4.01 23.50 -5.93
C ASP A 95 -5.31 24.27 -5.89
N CYS A 96 -5.60 25.09 -6.91
CA CYS A 96 -6.83 25.85 -6.96
C CYS A 96 -7.02 26.37 -8.38
N LEU A 97 -8.28 26.61 -8.74
CA LEU A 97 -8.61 27.28 -9.98
C LEU A 97 -8.67 28.78 -9.74
N VAL A 98 -8.18 29.55 -10.72
CA VAL A 98 -8.23 31.01 -10.66
C VAL A 98 -9.07 31.45 -11.85
N ILE A 99 -10.35 31.72 -11.59
CA ILE A 99 -11.26 32.16 -12.62
C ILE A 99 -10.91 33.58 -13.07
N VAL A 100 -10.70 33.74 -14.36
CA VAL A 100 -10.45 35.06 -14.94
C VAL A 100 -11.79 35.77 -15.14
N ASN A 101 -11.83 37.05 -14.80
CA ASN A 101 -13.06 37.82 -14.86
C ASN A 101 -13.22 38.65 -16.12
N ASP A 102 -12.14 38.89 -16.86
CA ASP A 102 -12.24 39.55 -18.15
C ASP A 102 -13.08 38.71 -19.10
N THR A 103 -14.10 39.34 -19.71
CA THR A 103 -15.06 38.62 -20.53
C THR A 103 -14.49 38.16 -21.86
N ALA A 104 -13.20 38.37 -22.11
CA ALA A 104 -12.59 37.94 -23.37
C ALA A 104 -12.57 36.42 -23.48
N PRO A 110 -7.11 29.94 -23.91
CA PRO A 110 -6.58 29.47 -22.63
C PRO A 110 -5.20 30.02 -22.33
N HIS A 111 -4.35 30.09 -23.37
CA HIS A 111 -3.02 30.65 -23.20
C HIS A 111 -3.06 32.10 -22.76
N ALA A 112 -4.16 32.81 -23.03
CA ALA A 112 -4.27 34.22 -22.67
C ALA A 112 -4.70 34.38 -21.21
N ALA A 113 -5.71 33.63 -20.77
CA ALA A 113 -6.17 33.73 -19.39
C ALA A 113 -5.08 33.32 -18.40
N ARG A 114 -4.15 32.46 -18.83
CA ARG A 114 -3.01 32.15 -17.98
C ARG A 114 -2.11 33.36 -17.81
N ASP A 115 -1.86 34.09 -18.90
CA ASP A 115 -1.01 35.27 -18.81
C ASP A 115 -1.63 36.35 -17.93
N LEU A 116 -2.96 36.49 -17.91
CA LEU A 116 -3.58 37.39 -16.93
C LEU A 116 -3.19 36.99 -15.52
N VAL A 117 -3.54 35.76 -15.12
CA VAL A 117 -3.28 35.29 -13.76
C VAL A 117 -1.80 35.43 -13.42
N ALA A 118 -0.91 35.24 -14.40
CA ALA A 118 0.52 35.38 -14.14
C ALA A 118 0.89 36.82 -13.81
N LYS A 119 0.32 37.78 -14.53
CA LYS A 119 0.70 39.18 -14.32
C LYS A 119 0.13 39.72 -13.01
N GLU A 120 -1.16 39.48 -12.74
CA GLU A 120 -1.79 40.02 -11.55
C GLU A 120 -1.12 39.52 -10.28
N LEU A 121 -0.72 38.25 -10.26
CA LEU A 121 -0.09 37.70 -9.07
C LEU A 121 1.36 38.14 -8.93
N ALA A 122 2.05 38.38 -10.05
CA ALA A 122 3.43 38.86 -9.98
C ALA A 122 3.50 40.19 -9.23
N ALA A 123 2.46 41.01 -9.33
CA ALA A 123 2.42 42.26 -8.59
C ALA A 123 2.04 42.04 -7.13
N LYS A 124 0.98 41.29 -6.87
CA LYS A 124 0.54 41.02 -5.50
C LYS A 124 1.64 40.33 -4.70
N LEU A 125 2.50 39.57 -5.37
CA LEU A 125 3.59 38.87 -4.70
C LEU A 125 4.93 39.49 -5.05
N LYS A 128 7.61 38.63 -2.64
CA LYS A 128 7.32 37.50 -1.77
C LYS A 128 7.48 36.17 -2.49
N ALA A 129 7.17 36.15 -3.78
CA ALA A 129 7.22 34.92 -4.55
C ALA A 129 7.36 35.25 -6.03
N GLU A 130 8.09 34.41 -6.75
CA GLU A 130 8.26 34.56 -8.19
C GLU A 130 7.21 33.73 -8.92
N VAL A 131 6.49 34.37 -9.83
CA VAL A 131 5.39 33.75 -10.56
C VAL A 131 5.88 33.34 -11.95
N SER A 132 5.44 32.17 -12.41
CA SER A 132 5.81 31.65 -13.71
C SER A 132 4.59 31.03 -14.38
N ALA A 133 4.70 30.81 -15.70
CA ALA A 133 3.62 30.27 -16.50
C ALA A 133 4.12 29.04 -17.27
N GLY A 134 3.26 28.04 -17.38
CA GLY A 134 3.63 26.81 -18.04
C GLY A 134 2.72 26.39 -19.18
N LYS A 135 2.76 25.11 -19.55
CA LYS A 135 1.95 24.62 -20.64
C LYS A 135 0.46 24.78 -20.37
N LEU A 136 0.06 24.70 -19.10
CA LEU A 136 -1.35 24.75 -18.73
C LEU A 136 -1.67 25.57 -17.48
N ALA A 137 -0.74 25.73 -16.55
CA ALA A 137 -1.07 26.38 -15.28
C ALA A 137 -0.09 27.51 -14.94
N VAL A 138 -0.25 28.08 -13.76
CA VAL A 138 0.60 29.17 -13.27
C VAL A 138 1.24 28.70 -11.97
N THR A 139 2.56 28.75 -11.90
CA THR A 139 3.32 28.23 -10.77
C THR A 139 3.85 29.40 -9.94
N VAL A 140 3.41 29.48 -8.69
CA VAL A 140 3.88 30.49 -7.75
C VAL A 140 4.90 29.83 -6.83
N ARG A 141 6.18 30.15 -7.02
CA ARG A 141 7.25 29.62 -6.18
C ARG A 141 7.56 30.63 -5.09
N TYR A 142 7.22 30.29 -3.85
CA TYR A 142 7.53 31.14 -2.72
C TYR A 142 9.03 31.05 -2.40
N GLY A 143 9.46 31.90 -1.46
CA GLY A 143 10.87 31.98 -1.14
C GLY A 143 11.45 30.72 -0.54
N ASP A 144 10.63 29.94 0.17
CA ASP A 144 11.09 28.72 0.81
C ASP A 144 11.11 27.53 -0.15
N GLY A 145 10.67 27.69 -1.39
CA GLY A 145 10.67 26.63 -2.37
C GLY A 145 9.30 26.04 -2.67
N MET A 146 8.27 26.45 -1.94
CA MET A 146 6.93 25.91 -2.17
C MET A 146 6.40 26.36 -3.53
N GLU A 147 6.00 25.40 -4.36
CA GLU A 147 5.42 25.67 -5.66
C GLU A 147 3.93 25.37 -5.61
N ILE A 148 3.11 26.41 -5.71
CA ILE A 148 1.67 26.27 -5.75
C ILE A 148 1.22 26.34 -7.20
N GLN A 149 0.33 25.42 -7.59
CA GLN A 149 -0.10 25.26 -8.98
C GLN A 149 -1.51 25.80 -9.14
N LEU A 150 -1.66 26.79 -10.00
CA LEU A 150 -2.92 27.52 -10.17
C LEU A 150 -3.40 27.33 -11.61
N LEU A 151 -4.57 26.74 -11.78
CA LEU A 151 -5.10 26.48 -13.11
C LEU A 151 -6.01 27.62 -13.54
N PRO A 152 -5.73 28.30 -14.64
CA PRO A 152 -6.59 29.41 -15.06
C PRO A 152 -7.93 28.91 -15.61
N ALA A 153 -9.01 29.51 -15.15
CA ALA A 153 -10.36 29.13 -15.56
C ALA A 153 -11.08 30.34 -16.14
N VAL A 154 -12.18 30.07 -16.84
CA VAL A 154 -13.00 31.11 -17.44
C VAL A 154 -14.47 30.78 -17.17
N ARG A 155 -15.29 31.81 -17.09
CA ARG A 155 -16.70 31.67 -16.74
C ARG A 155 -17.58 31.81 -17.98
N THR A 156 -18.58 30.94 -18.09
CA THR A 156 -19.52 30.98 -19.21
C THR A 156 -20.96 30.84 -18.71
N VAL A 160 -18.17 27.31 -15.69
CA VAL A 160 -16.72 27.42 -15.62
C VAL A 160 -16.06 26.35 -16.48
N LYS A 161 -14.96 26.69 -17.12
CA LYS A 161 -14.18 25.75 -17.92
C LYS A 161 -12.71 25.90 -17.60
N ILE A 162 -11.95 24.85 -17.93
CA ILE A 162 -10.52 24.81 -17.67
C ILE A 162 -9.81 24.43 -18.96
N PRO A 163 -8.51 24.77 -19.09
CA PRO A 163 -7.82 24.57 -20.39
C PRO A 163 -7.67 23.12 -20.81
N SER A 164 -7.10 22.89 -21.99
CA SER A 164 -6.93 21.57 -22.61
C SER A 164 -8.25 20.85 -22.82
N VAL A 167 -4.72 19.36 -26.10
CA VAL A 167 -5.16 20.28 -27.13
C VAL A 167 -4.98 21.72 -26.66
N ASP A 168 -3.86 22.32 -27.04
CA ASP A 168 -3.53 23.67 -26.59
C ASP A 168 -4.47 24.70 -27.22
N GLY A 169 -4.49 25.89 -26.61
CA GLY A 169 -5.33 26.97 -27.09
C GLY A 169 -6.80 26.63 -27.14
N ARG A 170 -7.22 25.57 -26.45
CA ARG A 170 -8.58 25.05 -26.51
C ARG A 170 -9.05 24.76 -25.09
N TRP A 171 -10.27 25.20 -24.78
CA TRP A 171 -10.85 24.91 -23.48
C TRP A 171 -11.43 23.51 -23.46
N SER A 172 -11.43 22.91 -22.27
CA SER A 172 -12.01 21.58 -22.08
C SER A 172 -13.52 21.70 -21.89
N GLU A 173 -14.20 20.57 -22.09
CA GLU A 173 -15.65 20.50 -21.96
C GLU A 173 -16.12 19.92 -20.63
N ILE A 174 -15.21 19.37 -19.82
CA ILE A 174 -15.60 18.74 -18.57
C ILE A 174 -16.16 19.77 -17.61
N ASP A 175 -17.01 19.33 -16.70
CA ASP A 175 -17.51 20.18 -15.64
C ASP A 175 -16.47 20.18 -14.51
N PRO A 176 -15.77 21.28 -14.29
CA PRO A 176 -14.71 21.29 -13.26
C PRO A 176 -15.24 21.02 -11.86
N GLY A 177 -16.49 21.36 -11.57
CA GLY A 177 -17.02 21.15 -10.24
C GLY A 177 -17.29 19.69 -9.95
N LYS A 178 -17.91 18.98 -10.90
CA LYS A 178 -18.22 17.57 -10.69
C LYS A 178 -16.96 16.73 -10.57
N PHE A 179 -15.92 17.07 -11.36
CA PHE A 179 -14.64 16.38 -11.24
C PHE A 179 -14.04 16.59 -9.85
N GLN A 180 -14.09 17.82 -9.35
CA GLN A 180 -13.55 18.10 -8.02
C GLN A 180 -14.33 17.35 -6.94
N GLN A 181 -15.66 17.31 -7.07
CA GLN A 181 -16.47 16.59 -6.10
C GLN A 181 -16.13 15.11 -6.08
N ALA A 182 -16.06 14.49 -7.26
CA ALA A 182 -15.77 13.07 -7.34
C ALA A 182 -14.36 12.77 -6.84
N LEU A 183 -13.39 13.58 -7.23
CA LEU A 183 -12.01 13.34 -6.82
C LEU A 183 -11.88 13.39 -5.30
N THR A 184 -12.48 14.39 -4.66
CA THR A 184 -12.34 14.53 -3.22
C THR A 184 -13.14 13.45 -2.47
N LYS A 185 -14.37 13.18 -2.92
CA LYS A 185 -15.18 12.16 -2.26
C LYS A 185 -14.48 10.80 -2.29
N TYR A 186 -14.01 10.38 -3.46
CA TYR A 186 -13.40 9.06 -3.58
C TYR A 186 -11.95 9.04 -3.11
N ASN A 187 -11.28 10.19 -3.09
CA ASN A 187 -10.00 10.26 -2.38
C ASN A 187 -10.21 10.06 -0.89
N LYS A 188 -11.25 10.67 -0.33
CA LYS A 188 -11.57 10.46 1.08
C LYS A 188 -11.95 9.02 1.36
N ALA A 189 -12.71 8.41 0.46
CA ALA A 189 -13.07 7.00 0.61
C ALA A 189 -11.87 6.08 0.46
N CYS A 190 -10.74 6.58 -0.02
CA CYS A 190 -9.52 5.78 -0.17
C CYS A 190 -8.41 6.24 0.77
N ALA A 191 -8.78 6.90 1.88
CA ALA A 191 -7.80 7.38 2.87
C ALA A 191 -6.75 8.27 2.22
N GLY A 192 -7.19 9.08 1.27
CA GLY A 192 -6.29 9.99 0.58
C GLY A 192 -5.24 9.31 -0.26
N LYS A 193 -5.51 8.09 -0.72
CA LYS A 193 -4.55 7.36 -1.53
C LYS A 193 -4.91 7.35 -3.02
N LEU A 194 -6.12 7.77 -3.38
CA LEU A 194 -6.49 7.82 -4.79
C LEU A 194 -5.58 8.76 -5.57
N VAL A 195 -5.42 9.99 -5.08
CA VAL A 195 -4.58 10.96 -5.79
C VAL A 195 -3.14 10.51 -5.88
N PRO A 196 -2.51 9.97 -4.82
CA PRO A 196 -1.18 9.35 -5.00
C PRO A 196 -1.14 8.30 -6.09
N ALA A 197 -2.14 7.41 -6.15
CA ALA A 197 -2.18 6.41 -7.22
C ALA A 197 -2.31 7.07 -8.58
N VAL A 198 -3.17 8.08 -8.71
CA VAL A 198 -3.33 8.79 -9.97
C VAL A 198 -2.00 9.44 -10.39
N LYS A 199 -1.30 10.03 -9.42
CA LYS A 199 -0.05 10.70 -9.73
C LYS A 199 1.03 9.71 -10.16
N LEU A 200 1.03 8.51 -9.58
CA LEU A 200 1.95 7.47 -10.03
C LEU A 200 1.57 6.96 -11.41
N ALA A 201 0.26 6.81 -11.67
CA ALA A 201 -0.19 6.37 -12.99
C ALA A 201 0.17 7.40 -14.05
N LYS A 202 -0.01 8.69 -13.75
CA LYS A 202 0.38 9.73 -14.70
C LYS A 202 1.89 9.70 -14.95
N ALA A 203 2.67 9.35 -13.92
CA ALA A 203 4.10 9.23 -14.13
C ALA A 203 4.43 8.06 -15.06
N VAL A 204 3.69 6.95 -14.95
CA VAL A 204 3.96 5.82 -15.85
C VAL A 204 3.57 6.19 -17.28
N ILE A 205 2.43 6.86 -17.44
CA ILE A 205 1.95 7.19 -18.79
C ILE A 205 2.77 8.29 -19.41
N ALA A 206 3.36 9.18 -18.61
CA ALA A 206 4.14 10.28 -19.14
C ALA A 206 5.42 9.83 -19.84
N GLN A 207 5.86 8.60 -19.62
CA GLN A 207 7.05 8.09 -20.28
C GLN A 207 6.79 7.49 -21.65
N LEU A 208 5.54 7.48 -22.08
CA LEU A 208 5.14 6.98 -23.39
C LEU A 208 5.13 8.12 -24.40
N PRO A 209 4.99 7.81 -25.70
CA PRO A 209 4.87 8.88 -26.68
C PRO A 209 3.68 9.79 -26.40
N ASP A 210 3.85 11.07 -26.74
CA ASP A 210 2.84 12.07 -26.40
C ASP A 210 1.50 11.76 -27.07
N ALA A 211 1.54 11.36 -28.35
CA ALA A 211 0.32 11.03 -29.07
C ALA A 211 -0.33 9.75 -28.56
N HIS A 212 0.41 8.91 -27.85
CA HIS A 212 -0.14 7.69 -27.26
C HIS A 212 -0.40 7.83 -25.76
N GLN A 213 -0.70 9.05 -25.32
CA GLN A 213 -0.99 9.33 -23.91
C GLN A 213 -2.43 9.79 -23.78
N LEU A 214 -3.13 9.26 -22.78
CA LEU A 214 -4.46 9.74 -22.47
C LEU A 214 -4.38 11.08 -21.75
N SER A 215 -5.46 11.86 -21.82
CA SER A 215 -5.47 13.15 -21.17
C SER A 215 -5.49 12.99 -19.65
N GLY A 216 -5.01 14.03 -18.97
CA GLY A 216 -4.99 14.00 -17.51
C GLY A 216 -6.38 13.93 -16.91
N TYR A 217 -7.33 14.66 -17.50
CA TYR A 217 -8.72 14.59 -17.02
C TYR A 217 -9.29 13.20 -17.22
N HIS A 218 -9.00 12.58 -18.37
CA HIS A 218 -9.52 11.24 -18.66
C HIS A 218 -8.94 10.21 -17.70
N ILE A 219 -7.65 10.34 -17.35
CA ILE A 219 -7.05 9.43 -16.37
C ILE A 219 -7.76 9.57 -15.03
N GLU A 220 -8.08 10.80 -14.64
CA GLU A 220 -8.75 11.02 -13.35
C GLU A 220 -10.15 10.45 -13.35
N SER A 221 -10.86 10.56 -14.47
CA SER A 221 -12.20 9.98 -14.55
C SER A 221 -12.13 8.45 -14.54
N LEU A 222 -11.12 7.89 -15.19
CA LEU A 222 -10.91 6.44 -15.14
C LEU A 222 -10.59 5.98 -13.72
N ALA A 223 -9.83 6.78 -12.96
CA ALA A 223 -9.49 6.41 -11.60
C ALA A 223 -10.70 6.48 -10.68
N ILE A 224 -11.57 7.48 -10.89
CA ILE A 224 -12.81 7.55 -10.14
C ILE A 224 -13.65 6.30 -10.38
N ASP A 225 -13.80 5.93 -11.65
CA ASP A 225 -14.57 4.73 -11.99
C ASP A 225 -13.88 3.47 -11.49
N ALA A 226 -12.55 3.47 -11.43
CA ALA A 226 -11.82 2.27 -11.03
C ALA A 226 -11.86 2.05 -9.53
N PHE A 227 -11.93 3.11 -8.73
CA PHE A 227 -11.80 2.99 -7.29
C PHE A 227 -13.09 3.28 -6.53
N ARG A 228 -14.19 3.61 -7.23
CA ARG A 228 -15.45 3.80 -6.54
C ARG A 228 -15.87 2.55 -5.78
N ASN A 229 -15.73 1.38 -6.41
CA ASN A 229 -16.09 0.12 -5.77
C ASN A 229 -14.86 -0.75 -5.57
N TYR A 230 -13.77 -0.16 -5.07
CA TYR A 230 -12.51 -0.88 -4.91
C TYR A 230 -12.53 -1.69 -3.62
N THR A 231 -12.32 -3.00 -3.75
CA THR A 231 -12.32 -3.92 -2.61
C THR A 231 -10.92 -4.38 -2.21
N GLY A 232 -9.89 -3.99 -2.95
CA GLY A 232 -8.54 -4.48 -2.70
C GLY A 232 -7.83 -3.71 -1.61
N THR A 233 -6.52 -3.97 -1.51
CA THR A 233 -5.69 -3.34 -0.50
C THR A 233 -5.52 -1.86 -0.81
N MET A 234 -5.71 -1.01 0.20
CA MET A 234 -5.71 0.44 0.01
C MET A 234 -4.30 0.99 0.22
N THR A 235 -3.41 0.61 -0.67
CA THR A 235 -2.06 1.15 -0.76
C THR A 235 -1.77 1.54 -2.20
N PRO A 236 -0.98 2.59 -2.41
CA PRO A 236 -0.58 2.93 -3.79
C PRO A 236 0.08 1.78 -4.52
N ALA A 237 0.81 0.92 -3.81
CA ALA A 237 1.44 -0.23 -4.46
C ALA A 237 0.41 -1.19 -5.03
N ALA A 238 -0.70 -1.41 -4.32
CA ALA A 238 -1.74 -2.31 -4.80
C ALA A 238 -2.73 -1.62 -5.73
N MET A 239 -2.96 -0.33 -5.55
CA MET A 239 -3.95 0.40 -6.35
C MET A 239 -3.44 0.68 -7.75
N LEU A 240 -2.13 0.87 -7.93
CA LEU A 240 -1.61 1.24 -9.24
C LEU A 240 -1.82 0.17 -10.29
N PRO A 241 -1.49 -1.10 -10.07
CA PRO A 241 -1.85 -2.12 -11.07
C PRO A 241 -3.35 -2.26 -11.26
N HIS A 242 -4.14 -1.98 -10.23
CA HIS A 242 -5.59 -2.08 -10.36
C HIS A 242 -6.12 -1.03 -11.33
N PHE A 243 -5.55 0.17 -11.31
CA PHE A 243 -6.01 1.22 -12.22
C PHE A 243 -5.79 0.82 -13.68
N PHE A 244 -4.59 0.36 -14.02
CA PHE A 244 -4.31 -0.01 -15.40
C PHE A 244 -5.10 -1.25 -15.82
N GLU A 245 -5.31 -2.19 -14.90
CA GLU A 245 -6.13 -3.36 -15.22
C GLU A 245 -7.58 -2.95 -15.47
N HIS A 246 -8.08 -1.98 -14.70
CA HIS A 246 -9.46 -1.53 -14.87
C HIS A 246 -9.60 -0.64 -16.10
N ALA A 247 -8.62 0.24 -16.33
CA ALA A 247 -8.75 1.24 -17.38
C ALA A 247 -8.57 0.65 -18.77
N LYS A 248 -7.83 -0.46 -18.90
CA LYS A 248 -7.69 -1.09 -20.21
C LYS A 248 -9.02 -1.63 -20.73
N GLU A 249 -9.98 -1.85 -19.84
CA GLU A 249 -11.34 -2.21 -20.24
C GLU A 249 -12.28 -1.01 -20.26
N ARG A 250 -12.16 -0.11 -19.28
CA ARG A 250 -13.08 1.02 -19.19
C ARG A 250 -12.84 2.05 -20.29
N VAL A 251 -11.61 2.10 -20.83
CA VAL A 251 -11.31 3.06 -21.89
C VAL A 251 -11.98 2.68 -23.20
N LEU A 252 -12.44 1.43 -23.33
CA LEU A 252 -13.12 1.01 -24.56
C LEU A 252 -14.47 1.67 -24.74
N ARG A 253 -15.09 2.13 -23.66
CA ARG A 253 -16.40 2.75 -23.73
C ARG A 253 -16.35 4.19 -23.22
N PRO A 254 -17.15 5.09 -23.78
CA PRO A 254 -17.14 6.48 -23.31
C PRO A 254 -17.45 6.58 -21.82
N MET A 255 -16.81 7.54 -21.15
CA MET A 255 -16.89 7.63 -19.71
C MET A 255 -18.23 8.21 -19.27
N THR A 256 -18.85 7.56 -18.28
CA THR A 256 -20.11 8.00 -17.70
C THR A 256 -20.01 7.92 -16.19
N ASP A 257 -20.96 8.59 -15.52
CA ASP A 257 -21.10 8.45 -14.08
C ASP A 257 -22.03 7.27 -13.80
N ARG A 258 -22.42 7.08 -12.54
CA ARG A 258 -23.27 5.95 -12.21
C ARG A 258 -24.64 6.07 -12.84
N THR A 259 -25.14 7.30 -12.99
CA THR A 259 -26.41 7.53 -13.66
C THR A 259 -26.39 7.08 -15.11
N GLY A 260 -25.21 6.95 -15.70
CA GLY A 260 -25.06 6.71 -17.12
C GLY A 260 -24.86 7.96 -17.94
N GLN A 261 -25.06 9.13 -17.34
CA GLN A 261 -24.81 10.38 -18.03
C GLN A 261 -23.32 10.52 -18.34
N SER A 262 -23.01 10.98 -19.55
CA SER A 262 -21.63 11.16 -19.94
C SER A 262 -20.96 12.23 -19.09
N VAL A 263 -19.64 12.10 -18.94
CA VAL A 263 -18.85 13.13 -18.27
C VAL A 263 -18.09 14.02 -19.26
N HIS A 264 -18.12 13.68 -20.55
CA HIS A 264 -17.53 14.48 -21.63
C HIS A 264 -16.03 14.73 -21.37
N VAL A 265 -15.27 13.64 -21.47
CA VAL A 265 -13.83 13.72 -21.23
C VAL A 265 -13.07 12.94 -22.28
N ASP A 266 -13.74 12.01 -22.95
CA ASP A 266 -13.07 11.11 -23.89
C ASP A 266 -13.74 11.13 -25.26
N GLY A 267 -14.40 12.23 -25.61
CA GLY A 267 -14.92 12.38 -26.95
C GLY A 267 -13.84 12.34 -28.01
N TYR A 268 -12.61 12.72 -27.63
CA TYR A 268 -11.48 12.69 -28.56
C TYR A 268 -11.07 11.27 -28.95
N MET A 269 -11.56 10.24 -28.24
CA MET A 269 -11.24 8.87 -28.59
C MET A 269 -12.24 8.25 -29.56
N GLY A 270 -13.45 8.78 -29.65
CA GLY A 270 -14.45 8.28 -30.55
C GLY A 270 -15.56 7.54 -29.82
N ASP A 271 -16.22 6.65 -30.56
CA ASP A 271 -17.32 5.87 -30.02
C ASP A 271 -16.77 4.59 -29.39
N ALA A 272 -17.68 3.81 -28.80
CA ALA A 272 -17.28 2.60 -28.09
C ALA A 272 -16.58 1.62 -29.02
N HIS A 273 -15.43 1.11 -28.57
CA HIS A 273 -14.63 0.14 -29.31
C HIS A 273 -14.13 0.71 -30.63
N SER A 274 -13.78 2.00 -30.62
CA SER A 274 -13.12 2.59 -31.78
C SER A 274 -11.67 2.12 -31.85
N ASP A 275 -11.02 2.43 -32.97
CA ASP A 275 -9.62 2.04 -33.12
C ASP A 275 -8.73 2.78 -32.14
N ALA A 276 -9.04 4.04 -31.85
CA ALA A 276 -8.26 4.79 -30.87
C ALA A 276 -8.36 4.16 -29.49
N ARG A 277 -9.59 3.89 -29.03
CA ARG A 277 -9.77 3.27 -27.72
C ARG A 277 -9.13 1.89 -27.65
N LYS A 278 -9.14 1.15 -28.77
CA LYS A 278 -8.45 -0.14 -28.80
C LYS A 278 -6.95 0.04 -28.64
N THR A 279 -6.39 1.05 -29.32
CA THR A 279 -4.96 1.32 -29.21
C THR A 279 -4.57 1.69 -27.78
N ALA A 280 -5.42 2.50 -27.11
CA ALA A 280 -5.17 2.83 -25.72
C ALA A 280 -5.31 1.62 -24.82
N SER A 281 -6.23 0.71 -25.14
CA SER A 281 -6.41 -0.50 -24.33
C SER A 281 -5.17 -1.38 -24.37
N HIS A 282 -4.56 -1.52 -25.55
CA HIS A 282 -3.35 -2.33 -25.66
C HIS A 282 -2.20 -1.75 -24.86
N LEU A 283 -2.09 -0.42 -24.85
CA LEU A 283 -1.00 0.23 -24.12
C LEU A 283 -1.24 0.15 -22.62
N LEU A 284 -2.46 0.45 -22.17
CA LEU A 284 -2.78 0.32 -20.75
C LEU A 284 -2.59 -1.12 -20.28
N GLY A 285 -2.86 -2.09 -21.15
CA GLY A 285 -2.64 -3.48 -20.78
C GLY A 285 -1.17 -3.88 -20.77
N ARG A 286 -0.36 -3.25 -21.62
CA ARG A 286 1.06 -3.57 -21.65
C ARG A 286 1.79 -2.95 -20.47
N LEU A 287 1.37 -1.77 -20.02
CA LEU A 287 1.92 -1.21 -18.80
C LEU A 287 1.58 -2.08 -17.60
N ALA A 288 0.38 -2.66 -17.59
CA ALA A 288 0.00 -3.55 -16.49
C ALA A 288 0.78 -4.85 -16.54
N LYS A 289 1.04 -5.38 -17.74
CA LYS A 289 1.84 -6.60 -17.85
C LYS A 289 3.28 -6.33 -17.45
N ARG A 290 3.82 -5.17 -17.82
CA ARG A 290 5.17 -4.81 -17.40
C ARG A 290 5.27 -4.67 -15.89
N MET A 291 4.22 -4.15 -15.25
CA MET A 291 4.21 -4.06 -13.80
C MET A 291 4.20 -5.45 -13.17
N ALA A 292 3.36 -6.35 -13.68
CA ALA A 292 3.33 -7.71 -13.17
C ALA A 292 4.65 -8.43 -13.44
N ASN A 293 5.22 -8.23 -14.62
CA ASN A 293 6.50 -8.87 -14.95
C ASN A 293 7.63 -8.33 -14.08
N ALA A 294 7.67 -7.01 -13.87
CA ALA A 294 8.72 -6.44 -13.03
C ALA A 294 8.64 -6.98 -11.61
N THR A 295 7.42 -7.11 -11.08
CA THR A 295 7.25 -7.65 -9.73
C THR A 295 7.61 -9.12 -9.68
N ALA A 296 7.19 -9.89 -10.68
CA ALA A 296 7.52 -11.32 -10.72
C ALA A 296 9.02 -11.53 -10.89
N ALA A 297 9.66 -10.68 -11.68
CA ALA A 297 11.12 -10.73 -11.85
C ALA A 297 11.85 -10.09 -10.69
N ARG A 298 11.13 -9.55 -9.71
CA ARG A 298 11.75 -8.83 -8.59
C ARG A 298 12.79 -7.83 -9.08
N SER A 299 12.44 -7.10 -10.14
CA SER A 299 13.36 -6.18 -10.80
C SER A 299 13.07 -4.77 -10.33
N LEU A 300 13.91 -4.28 -9.42
CA LEU A 300 13.82 -2.87 -9.03
C LEU A 300 14.14 -1.93 -10.18
N PRO A 301 15.16 -2.16 -11.02
CA PRO A 301 15.40 -1.22 -12.13
C PRO A 301 14.26 -1.19 -13.14
N GLN A 302 13.59 -2.30 -13.40
CA GLN A 302 12.45 -2.26 -14.31
C GLN A 302 11.29 -1.44 -13.73
N TRP A 303 11.12 -1.45 -12.41
CA TRP A 303 10.09 -0.61 -11.82
C TRP A 303 10.48 0.86 -11.88
N GLU A 304 11.76 1.17 -11.70
CA GLU A 304 12.22 2.55 -11.80
C GLU A 304 12.16 3.06 -13.23
N ASP A 305 12.37 2.17 -14.21
CA ASP A 305 12.25 2.57 -15.61
C ASP A 305 10.83 2.93 -15.98
N LEU A 306 9.85 2.35 -15.29
CA LEU A 306 8.45 2.70 -15.54
C LEU A 306 8.14 4.14 -15.14
N PHE A 307 8.85 4.67 -14.15
CA PHE A 307 8.68 6.04 -13.72
C PHE A 307 9.73 6.98 -14.30
N GLY A 308 10.61 6.48 -15.17
CA GLY A 308 11.66 7.30 -15.75
C GLY A 308 12.93 7.29 -14.94
N ALA B 11 16.35 -7.35 3.79
CA ALA B 11 15.06 -7.15 4.42
C ALA B 11 15.12 -7.46 5.92
N GLU B 12 14.33 -6.72 6.69
CA GLU B 12 14.21 -6.93 8.13
C GLU B 12 12.98 -7.77 8.43
N ALA B 13 13.10 -8.67 9.40
CA ALA B 13 12.02 -9.58 9.76
C ALA B 13 11.93 -9.64 11.27
N ALA B 14 10.73 -9.36 11.80
CA ALA B 14 10.44 -9.56 13.21
C ALA B 14 9.58 -10.81 13.34
N VAL B 15 10.03 -11.77 14.14
CA VAL B 15 9.34 -13.04 14.30
C VAL B 15 8.64 -13.06 15.64
N LEU B 16 7.34 -13.29 15.63
CA LEU B 16 6.62 -13.57 16.87
C LEU B 16 7.01 -14.96 17.36
N LEU B 17 7.68 -15.01 18.50
CA LEU B 17 8.19 -16.26 19.05
C LEU B 17 7.34 -16.68 20.25
N SER B 18 6.95 -17.95 20.28
CA SER B 18 6.16 -18.49 21.38
C SER B 18 6.87 -19.58 22.16
N GLY B 19 8.01 -20.08 21.68
CA GLY B 19 8.70 -21.18 22.32
C GLY B 19 8.44 -22.54 21.71
N GLY B 20 7.52 -22.64 20.75
CA GLY B 20 7.24 -23.88 20.07
C GLY B 20 8.12 -24.07 18.84
N MET B 21 7.99 -25.25 18.23
CA MET B 21 8.74 -25.56 17.02
C MET B 21 8.36 -24.67 15.86
N ASP B 22 7.09 -24.26 15.76
CA ASP B 22 6.61 -23.57 14.57
C ASP B 22 7.32 -22.24 14.37
N SER B 23 7.27 -21.37 15.39
CA SER B 23 7.88 -20.05 15.27
C SER B 23 9.40 -20.14 15.22
N ALA B 24 9.99 -21.11 15.91
CA ALA B 24 11.42 -21.34 15.79
C ALA B 24 11.81 -21.71 14.37
N ALA B 25 11.01 -22.56 13.73
CA ALA B 25 11.27 -22.92 12.33
C ALA B 25 11.17 -21.70 11.42
N CYS B 26 10.22 -20.80 11.70
CA CYS B 26 10.10 -19.59 10.91
C CYS B 26 11.35 -18.72 11.04
N ALA B 27 11.83 -18.52 12.27
CA ALA B 27 13.01 -17.69 12.48
C ALA B 27 14.23 -18.30 11.81
N HIS B 28 14.35 -19.63 11.86
CA HIS B 28 15.46 -20.30 11.18
C HIS B 28 15.38 -20.09 9.68
N MET B 29 14.18 -20.14 9.11
CA MET B 29 14.02 -19.96 7.67
C MET B 29 14.39 -18.55 7.24
N LEU B 30 13.92 -17.55 7.98
CA LEU B 30 14.23 -16.17 7.64
C LEU B 30 15.71 -15.88 7.79
N LEU B 31 16.35 -16.42 8.84
CA LEU B 31 17.79 -16.28 8.97
C LEU B 31 18.52 -16.98 7.83
N ARG B 32 18.00 -18.14 7.40
CA ARG B 32 18.63 -18.88 6.32
C ARG B 32 18.47 -18.20 4.98
N LYS B 33 17.44 -17.36 4.82
CA LYS B 33 17.30 -16.55 3.62
C LYS B 33 18.19 -15.32 3.62
N GLY B 34 18.90 -15.05 4.72
CA GLY B 34 19.79 -13.91 4.80
C GLY B 34 19.18 -12.65 5.37
N TYR B 35 17.93 -12.71 5.84
CA TYR B 35 17.29 -11.52 6.39
C TYR B 35 17.86 -11.16 7.76
N ARG B 36 17.78 -9.87 8.09
CA ARG B 36 18.06 -9.41 9.45
C ARG B 36 16.85 -9.71 10.33
N VAL B 37 17.03 -10.60 11.30
CA VAL B 37 15.92 -11.16 12.05
C VAL B 37 16.02 -10.73 13.51
N ARG B 38 14.88 -10.36 14.08
CA ARG B 38 14.75 -10.12 15.50
C ARG B 38 13.44 -10.76 15.99
N GLY B 39 13.38 -11.04 17.28
CA GLY B 39 12.24 -11.74 17.84
C GLY B 39 11.33 -10.86 18.67
N LEU B 40 10.10 -11.32 18.88
CA LEU B 40 9.13 -10.62 19.71
C LEU B 40 8.39 -11.64 20.54
N PHE B 41 8.39 -11.47 21.86
CA PHE B 41 7.60 -12.30 22.76
C PHE B 41 6.59 -11.43 23.48
N ILE B 42 5.34 -11.89 23.53
CA ILE B 42 4.26 -11.16 24.17
C ILE B 42 3.88 -11.90 25.46
N ASP B 43 4.00 -11.20 26.59
CA ASP B 43 3.54 -11.69 27.88
C ASP B 43 2.21 -11.02 28.16
N PHE B 44 1.11 -11.74 27.89
CA PHE B 44 -0.23 -11.21 28.13
C PHE B 44 -0.92 -11.91 29.29
N GLY B 45 -0.17 -12.55 30.18
CA GLY B 45 -0.76 -13.27 31.28
C GLY B 45 -1.16 -14.69 30.97
N GLN B 46 -0.72 -15.24 29.84
CA GLN B 46 -1.04 -16.62 29.51
C GLN B 46 -0.48 -17.56 30.57
N ALA B 47 -1.13 -18.72 30.71
CA ALA B 47 -0.75 -19.65 31.76
C ALA B 47 0.67 -20.17 31.58
N ALA B 48 1.14 -20.28 30.34
CA ALA B 48 2.44 -20.85 30.04
C ALA B 48 3.53 -19.79 29.86
N VAL B 49 3.32 -18.59 30.42
CA VAL B 49 4.25 -17.49 30.14
C VAL B 49 5.65 -17.82 30.64
N ALA B 50 5.76 -18.51 31.78
CA ALA B 50 7.09 -18.78 32.32
C ALA B 50 7.83 -19.81 31.47
N PRO B 51 7.28 -20.99 31.16
CA PRO B 51 8.04 -21.91 30.29
C PRO B 51 8.19 -21.40 28.86
N GLU B 52 7.19 -20.69 28.33
CA GLU B 52 7.33 -20.11 27.00
C GLU B 52 8.47 -19.10 26.96
N ALA B 53 8.55 -18.24 27.97
CA ALA B 53 9.60 -17.22 27.97
C ALA B 53 10.98 -17.86 28.05
N THR B 54 11.14 -18.89 28.88
CA THR B 54 12.41 -19.59 28.98
C THR B 54 12.78 -20.21 27.64
N ALA B 55 11.84 -20.88 27.00
CA ALA B 55 12.09 -21.47 25.69
C ALA B 55 12.50 -20.41 24.67
N VAL B 56 11.81 -19.27 24.68
CA VAL B 56 12.14 -18.20 23.73
C VAL B 56 13.54 -17.68 23.97
N SER B 57 13.90 -17.46 25.24
CA SER B 57 15.24 -16.96 25.55
C SER B 57 16.31 -17.93 25.08
N THR B 58 16.08 -19.22 25.24
CA THR B 58 17.08 -20.22 24.85
C THR B 58 17.18 -20.32 23.33
N LEU B 59 16.04 -20.42 22.65
CA LEU B 59 16.05 -20.55 21.19
C LEU B 59 16.65 -19.31 20.54
N ALA B 60 16.29 -18.12 21.05
CA ALA B 60 16.84 -16.89 20.50
C ALA B 60 18.34 -16.80 20.71
N ASN B 61 18.81 -17.23 21.88
CA ASN B 61 20.24 -17.19 22.16
C ASN B 61 21.01 -18.12 21.23
N ILE B 62 20.39 -19.24 20.84
CA ILE B 62 21.05 -20.16 19.91
C ILE B 62 21.06 -19.58 18.50
N LEU B 63 19.92 -19.03 18.07
CA LEU B 63 19.83 -18.42 16.76
C LEU B 63 20.63 -17.13 16.66
N GLY B 64 21.00 -16.53 17.78
CA GLY B 64 21.73 -15.29 17.76
C GLY B 64 20.89 -14.07 17.44
N ILE B 65 19.64 -14.05 17.90
CA ILE B 65 18.75 -12.92 17.66
C ILE B 65 18.31 -12.33 18.99
N ALA B 66 18.10 -11.03 19.00
CA ALA B 66 17.57 -10.31 20.14
C ALA B 66 16.05 -10.38 20.14
N VAL B 67 15.46 -10.43 21.34
CA VAL B 67 14.02 -10.55 21.52
C VAL B 67 13.53 -9.36 22.32
N THR B 68 12.52 -8.67 21.81
CA THR B 68 11.84 -7.63 22.55
C THR B 68 10.64 -8.26 23.25
N THR B 69 10.56 -8.08 24.57
CA THR B 69 9.44 -8.59 25.33
C THR B 69 8.40 -7.50 25.49
N ILE B 70 7.17 -7.78 25.06
CA ILE B 70 6.05 -6.87 25.16
C ILE B 70 5.10 -7.42 26.20
N SER B 71 4.75 -6.60 27.18
CA SER B 71 3.88 -7.00 28.28
C SER B 71 2.49 -6.38 28.11
N ALA B 72 1.48 -7.12 28.54
CA ALA B 72 0.11 -6.65 28.53
C ALA B 72 -0.64 -7.32 29.67
N SER B 73 -1.55 -6.59 30.29
CA SER B 73 -2.25 -7.12 31.45
C SER B 73 -3.67 -6.56 31.49
N ALA B 74 -4.60 -7.41 31.91
CA ALA B 74 -5.99 -7.05 32.09
C ALA B 74 -6.65 -8.14 32.91
N PRO B 75 -7.76 -7.85 33.60
CA PRO B 75 -8.46 -8.89 34.35
C PRO B 75 -8.90 -10.06 33.49
N ASN B 76 -8.19 -11.18 33.57
CA ASN B 76 -8.48 -12.36 32.77
C ASN B 76 -8.04 -13.60 33.54
N ARG B 77 -8.51 -14.76 33.05
CA ARG B 77 -8.07 -16.06 33.52
C ARG B 77 -7.72 -16.91 32.29
N PHE B 78 -6.67 -16.49 31.59
CA PHE B 78 -6.25 -17.17 30.37
C PHE B 78 -5.75 -18.58 30.69
N GLY B 79 -6.34 -19.57 30.03
CA GLY B 79 -5.93 -20.96 30.16
C GLY B 79 -5.60 -21.56 28.81
N SER B 80 -5.96 -22.83 28.64
CA SER B 80 -5.74 -23.53 27.39
C SER B 80 -6.92 -23.30 26.43
N GLY B 81 -6.73 -23.70 25.19
CA GLY B 81 -7.77 -23.54 24.19
C GLY B 81 -7.73 -22.19 23.51
N GLU B 82 -8.78 -21.92 22.75
CA GLU B 82 -8.82 -20.71 21.94
C GLU B 82 -9.02 -19.48 22.80
N LEU B 83 -8.22 -18.45 22.55
CA LEU B 83 -8.40 -17.13 23.16
C LEU B 83 -8.75 -16.16 22.04
N VAL B 84 -10.01 -15.69 22.03
CA VAL B 84 -10.52 -14.92 20.90
C VAL B 84 -9.66 -13.70 20.66
N GLY B 85 -9.20 -13.54 19.41
CA GLY B 85 -8.42 -12.38 19.02
C GLY B 85 -6.95 -12.44 19.33
N ARG B 86 -6.44 -13.61 19.73
CA ARG B 86 -5.05 -13.68 20.20
C ARG B 86 -4.06 -13.35 19.09
N ASN B 87 -4.12 -14.08 17.98
CA ASN B 87 -3.09 -13.95 16.96
C ASN B 87 -3.12 -12.57 16.31
N ALA B 88 -4.32 -12.03 16.09
CA ALA B 88 -4.40 -10.68 15.56
C ALA B 88 -3.90 -9.65 16.58
N PHE B 89 -4.07 -9.94 17.87
CA PHE B 89 -3.48 -9.07 18.89
C PHE B 89 -1.96 -9.21 18.93
N LEU B 90 -1.43 -10.41 18.68
CA LEU B 90 0.02 -10.56 18.67
C LEU B 90 0.65 -9.80 17.51
N VAL B 91 0.00 -9.83 16.35
CA VAL B 91 0.50 -9.08 15.21
C VAL B 91 0.44 -7.58 15.48
N MET B 92 -0.71 -7.09 15.97
CA MET B 92 -0.84 -5.66 16.24
C MET B 92 0.07 -5.22 17.37
N SER B 93 0.35 -6.11 18.33
CA SER B 93 1.32 -5.77 19.37
C SER B 93 2.72 -5.64 18.79
N GLY B 94 3.10 -6.56 17.89
CA GLY B 94 4.40 -6.47 17.26
C GLY B 94 4.58 -5.18 16.46
N ILE B 95 3.51 -4.70 15.84
CA ILE B 95 3.57 -3.48 15.05
C ILE B 95 3.61 -2.26 15.97
N PHE B 96 2.59 -2.11 16.82
CA PHE B 96 2.44 -0.87 17.57
C PHE B 96 3.45 -0.77 18.71
N LEU B 97 3.69 -1.88 19.42
CA LEU B 97 4.56 -1.85 20.58
C LEU B 97 5.94 -2.41 20.31
N GLY B 98 6.09 -3.28 19.31
CA GLY B 98 7.38 -3.85 18.97
C GLY B 98 8.15 -3.11 17.90
N GLY B 99 7.61 -2.01 17.37
CA GLY B 99 8.33 -1.23 16.38
C GLY B 99 8.47 -1.88 15.02
N ALA B 100 7.72 -2.93 14.73
CA ALA B 100 7.79 -3.59 13.42
C ALA B 100 6.93 -2.81 12.44
N HIS B 101 7.52 -1.74 11.90
CA HIS B 101 6.82 -0.83 10.99
C HIS B 101 7.21 -0.99 9.53
N SER B 102 8.32 -1.68 9.25
CA SER B 102 8.75 -1.94 7.88
C SER B 102 9.31 -3.35 7.80
N GLY B 103 9.38 -3.87 6.59
CA GLY B 103 9.88 -5.21 6.38
C GLY B 103 8.79 -6.25 6.56
N LEU B 104 9.12 -7.32 7.27
CA LEU B 104 8.20 -8.43 7.47
C LEU B 104 8.00 -8.68 8.96
N ILE B 105 6.80 -9.14 9.30
CA ILE B 105 6.51 -9.64 10.63
C ILE B 105 5.93 -11.04 10.46
N ALA B 106 6.56 -12.01 11.11
CA ALA B 106 6.27 -13.42 10.89
C ALA B 106 5.52 -14.01 12.07
N ILE B 107 4.55 -14.86 11.76
CA ILE B 107 3.80 -15.61 12.77
C ILE B 107 3.78 -17.06 12.34
N GLY B 108 3.93 -17.97 13.30
CA GLY B 108 4.11 -19.37 12.99
C GLY B 108 2.83 -20.18 12.92
N ILE B 109 1.74 -19.58 12.46
CA ILE B 109 0.49 -20.32 12.32
C ILE B 109 0.64 -21.37 11.21
N HIS B 110 -0.14 -22.44 11.31
CA HIS B 110 -0.10 -23.53 10.34
C HIS B 110 -1.48 -24.13 10.22
N ALA B 111 -1.61 -25.12 9.34
CA ALA B 111 -2.88 -25.77 9.06
C ALA B 111 -3.14 -26.92 10.03
N GLY B 112 -4.39 -27.36 10.05
CA GLY B 112 -4.81 -28.47 10.89
C GLY B 112 -5.42 -28.07 12.22
N THR B 113 -5.33 -26.80 12.59
CA THR B 113 -5.89 -26.36 13.87
C THR B 113 -7.37 -26.04 13.70
N PRO B 114 -8.11 -25.97 14.80
CA PRO B 114 -9.51 -25.51 14.74
C PRO B 114 -9.70 -24.00 14.84
N TYR B 115 -8.62 -23.22 14.75
CA TYR B 115 -8.66 -21.79 15.04
C TYR B 115 -8.78 -20.99 13.74
N TYR B 116 -9.74 -20.05 13.72
CA TYR B 116 -9.85 -19.17 12.56
C TYR B 116 -8.58 -18.35 12.37
N ASP B 117 -7.98 -17.87 13.45
CA ASP B 117 -6.81 -17.02 13.32
C ASP B 117 -5.53 -17.79 13.02
N CYS B 118 -5.65 -19.04 12.58
CA CYS B 118 -4.57 -19.79 11.97
C CYS B 118 -4.85 -20.10 10.51
N SER B 119 -5.94 -19.56 9.95
CA SER B 119 -6.42 -19.89 8.62
C SER B 119 -5.87 -18.93 7.58
N PRO B 120 -5.94 -19.31 6.30
CA PRO B 120 -5.50 -18.41 5.22
C PRO B 120 -6.31 -17.12 5.16
N PRO B 121 -7.64 -17.16 5.38
CA PRO B 121 -8.37 -15.87 5.42
C PRO B 121 -7.89 -14.94 6.51
N PHE B 122 -7.48 -15.48 7.67
CA PHE B 122 -6.89 -14.63 8.70
C PHE B 122 -5.62 -13.96 8.19
N LEU B 123 -4.75 -14.74 7.53
CA LEU B 123 -3.50 -14.17 7.04
C LEU B 123 -3.74 -13.10 5.99
N SER B 124 -4.70 -13.34 5.08
CA SER B 124 -4.96 -12.35 4.04
C SER B 124 -5.45 -11.04 4.62
N ARG B 125 -6.25 -11.10 5.69
CA ARG B 125 -6.73 -9.88 6.33
C ARG B 125 -5.62 -9.18 7.09
N MET B 126 -4.81 -9.94 7.83
CA MET B 126 -3.69 -9.34 8.55
C MET B 126 -2.70 -8.69 7.58
N LYS B 127 -2.48 -9.33 6.43
CA LYS B 127 -1.61 -8.74 5.41
C LYS B 127 -2.17 -7.39 4.97
N GLN B 128 -3.46 -7.32 4.68
CA GLN B 128 -4.07 -6.06 4.26
C GLN B 128 -3.95 -5.01 5.36
N VAL B 129 -4.20 -5.39 6.61
CA VAL B 129 -4.11 -4.44 7.72
C VAL B 129 -2.71 -3.86 7.81
N ALA B 130 -1.70 -4.73 7.83
CA ALA B 130 -0.32 -4.26 7.96
C ALA B 130 0.09 -3.42 6.76
N GLN B 131 -0.24 -3.88 5.55
CA GLN B 131 0.12 -3.14 4.35
C GLN B 131 -0.54 -1.76 4.34
N GLU B 132 -1.84 -1.71 4.64
CA GLU B 132 -2.57 -0.44 4.53
C GLU B 132 -2.10 0.56 5.59
N HIS B 133 -1.61 0.09 6.74
CA HIS B 133 -1.09 1.00 7.75
C HIS B 133 0.32 1.50 7.42
N THR B 134 0.99 0.89 6.44
CA THR B 134 2.38 1.23 6.14
C THR B 134 2.61 1.48 4.64
N SER B 135 1.54 1.71 3.87
CA SER B 135 1.65 1.85 2.42
C SER B 135 2.40 0.69 1.78
N GLY B 136 2.29 -0.49 2.39
CA GLY B 136 2.93 -1.70 1.89
C GLY B 136 4.34 -1.94 2.39
N ARG B 137 4.92 -1.01 3.15
CA ARG B 137 6.29 -1.18 3.60
C ARG B 137 6.42 -2.33 4.59
N LEU B 138 5.34 -2.69 5.27
CA LEU B 138 5.31 -3.85 6.16
C LEU B 138 4.34 -4.88 5.61
N ASP B 139 4.73 -6.16 5.70
CA ASP B 139 3.88 -7.27 5.29
C ASP B 139 3.92 -8.34 6.37
N VAL B 140 2.78 -9.00 6.57
CA VAL B 140 2.69 -10.13 7.49
C VAL B 140 2.98 -11.41 6.69
N VAL B 141 3.82 -12.27 7.24
CA VAL B 141 4.21 -13.51 6.58
C VAL B 141 4.01 -14.67 7.53
N ALA B 142 3.60 -15.81 6.98
CA ALA B 142 3.42 -17.05 7.76
C ALA B 142 3.83 -18.19 6.84
N PRO B 143 5.12 -18.55 6.84
CA PRO B 143 5.60 -19.52 5.84
C PRO B 143 5.01 -20.91 6.00
N LEU B 144 4.59 -21.28 7.21
CA LEU B 144 4.05 -22.61 7.49
C LEU B 144 2.54 -22.67 7.36
N LEU B 145 1.93 -21.68 6.70
CA LEU B 145 0.48 -21.54 6.68
C LEU B 145 -0.22 -22.83 6.27
N ASP B 146 0.24 -23.45 5.19
CA ASP B 146 -0.39 -24.64 4.64
C ASP B 146 0.25 -25.93 5.13
N TRP B 147 1.22 -25.86 6.02
CA TRP B 147 1.87 -27.05 6.53
C TRP B 147 1.07 -27.66 7.68
N HIS B 148 1.29 -28.95 7.92
CA HIS B 148 0.81 -29.62 9.11
C HIS B 148 2.00 -29.95 10.01
N LYS B 149 1.69 -30.25 11.28
CA LYS B 149 2.75 -30.38 12.27
C LYS B 149 3.83 -31.39 11.92
N PRO B 150 3.54 -32.56 11.31
CA PRO B 150 4.65 -33.44 10.92
C PRO B 150 5.61 -32.81 9.93
N ASP B 151 5.12 -31.98 9.00
CA ASP B 151 6.05 -31.26 8.12
C ASP B 151 6.92 -30.30 8.92
N ILE B 152 6.32 -29.58 9.86
CA ILE B 152 7.08 -28.64 10.69
C ILE B 152 8.12 -29.38 11.52
N TYR B 153 7.75 -30.55 12.04
CA TYR B 153 8.69 -31.34 12.84
C TYR B 153 9.87 -31.79 11.99
N SER B 154 9.63 -32.15 10.72
CA SER B 154 10.72 -32.51 9.83
C SER B 154 11.68 -31.35 9.63
N TYR B 155 11.13 -30.15 9.37
CA TYR B 155 11.99 -28.98 9.20
C TYR B 155 12.75 -28.67 10.47
N PHE B 156 12.09 -28.80 11.63
CA PHE B 156 12.77 -28.51 12.88
C PHE B 156 13.92 -29.48 13.12
N GLN B 157 13.80 -30.72 12.65
CA GLN B 157 14.92 -31.66 12.78
C GLN B 157 16.08 -31.28 11.87
N ARG B 158 15.80 -30.58 10.78
CA ARG B 158 16.85 -30.06 9.91
C ARG B 158 17.40 -28.73 10.41
N SER B 159 16.75 -28.09 11.38
CA SER B 159 17.16 -26.76 11.81
C SER B 159 18.38 -26.76 12.70
N GLY B 160 18.67 -27.88 13.37
CA GLY B 160 19.74 -27.92 14.35
C GLY B 160 19.36 -27.43 15.72
N LEU B 161 18.14 -26.93 15.91
CA LEU B 161 17.68 -26.45 17.20
C LEU B 161 17.26 -27.61 18.10
N PRO B 162 17.43 -27.46 19.42
CA PRO B 162 17.14 -28.57 20.34
C PRO B 162 15.66 -28.65 20.66
N ILE B 163 15.06 -29.82 20.43
CA ILE B 163 13.64 -30.01 20.78
C ILE B 163 13.43 -29.88 22.28
N GLU B 164 14.42 -30.25 23.09
CA GLU B 164 14.27 -30.15 24.54
C GLU B 164 14.06 -28.72 24.99
N ALA B 165 14.54 -27.74 24.22
CA ALA B 165 14.38 -26.33 24.57
C ALA B 165 13.03 -25.76 24.15
N THR B 166 12.21 -26.51 23.41
CA THR B 166 10.91 -26.00 23.00
C THR B 166 9.85 -26.36 24.02
N TYR B 167 8.81 -25.53 24.07
CA TYR B 167 7.68 -25.74 24.96
C TYR B 167 6.43 -25.28 24.25
N SER B 168 5.39 -26.13 24.26
CA SER B 168 4.16 -25.79 23.56
C SER B 168 2.89 -26.06 24.35
N CYS B 169 2.97 -26.55 25.58
CA CYS B 169 1.77 -26.85 26.35
C CYS B 169 1.04 -25.55 26.72
N GLU B 170 -0.24 -25.47 26.34
CA GLU B 170 -1.05 -24.29 26.61
C GLU B 170 -1.48 -24.17 28.08
N SER B 171 -1.20 -25.18 28.89
CA SER B 171 -1.58 -25.16 30.31
C SER B 171 -0.49 -24.59 31.21
N GLY B 172 0.76 -24.53 30.73
CA GLY B 172 1.83 -23.96 31.51
C GLY B 172 2.40 -24.83 32.60
N THR B 173 1.99 -26.10 32.67
CA THR B 173 2.45 -26.99 33.72
C THR B 173 3.71 -27.72 33.28
N ILE B 174 4.57 -28.00 34.26
CA ILE B 174 5.77 -28.81 34.06
C ILE B 174 5.67 -30.02 34.97
N PRO B 175 5.53 -31.25 34.44
CA PRO B 175 5.50 -31.63 33.01
C PRO B 175 4.24 -31.15 32.28
N PRO B 176 4.24 -31.16 30.95
CA PRO B 176 3.08 -30.70 30.21
C PRO B 176 1.82 -31.49 30.56
N CYS B 177 0.67 -30.86 30.30
CA CYS B 177 -0.59 -31.45 30.75
C CYS B 177 -0.96 -32.71 29.98
N GLY B 178 -0.52 -32.83 28.72
CA GLY B 178 -0.76 -34.01 27.93
C GLY B 178 -2.09 -34.06 27.21
N SER B 179 -3.04 -33.18 27.55
CA SER B 179 -4.37 -33.23 26.96
C SER B 179 -4.73 -32.01 26.15
N CYS B 180 -4.00 -30.90 26.26
CA CYS B 180 -4.28 -29.77 25.39
C CYS B 180 -3.91 -30.10 23.95
N ALA B 181 -4.40 -29.28 23.02
CA ALA B 181 -4.22 -29.59 21.60
C ALA B 181 -2.75 -29.68 21.22
N SER B 182 -1.91 -28.83 21.81
CA SER B 182 -0.49 -28.83 21.48
C SER B 182 0.24 -30.04 22.07
N CYS B 183 -0.13 -30.44 23.30
CA CYS B 183 0.45 -31.65 23.87
C CYS B 183 0.08 -32.88 23.06
N ARG B 184 -1.16 -32.92 22.55
CA ARG B 184 -1.56 -34.06 21.73
C ARG B 184 -0.90 -34.03 20.36
N ASP B 185 -0.51 -32.84 19.89
CA ASP B 185 0.37 -32.77 18.73
C ASP B 185 1.68 -33.48 19.01
N ARG B 186 2.31 -33.16 20.15
CA ARG B 186 3.59 -33.77 20.50
C ARG B 186 3.45 -35.28 20.68
N ARG B 187 2.35 -35.72 21.29
CA ARG B 187 2.15 -37.15 21.51
C ARG B 187 2.02 -37.90 20.18
N ALA B 188 1.28 -37.32 19.23
CA ALA B 188 1.12 -37.94 17.92
C ALA B 188 2.40 -37.93 17.10
N LEU B 189 3.42 -37.19 17.53
CA LEU B 189 4.70 -37.15 16.84
C LEU B 189 5.83 -37.82 17.60
N GLY B 190 5.56 -38.35 18.80
CA GLY B 190 6.59 -38.93 19.63
C GLY B 190 7.63 -37.91 20.05
N CYS B 191 7.16 -36.74 20.48
CA CYS B 191 8.05 -35.63 20.77
C CYS B 191 7.96 -35.22 22.24
P AMP C . -21.14 9.99 -7.36
O1P AMP C . -20.26 10.13 -6.14
O2P AMP C . -22.61 10.16 -7.09
O3P AMP C . -20.76 8.83 -8.25
O5' AMP C . -20.80 11.28 -8.23
C5' AMP C . -20.34 12.48 -7.62
C4' AMP C . -20.12 13.57 -8.63
O4' AMP C . -18.99 13.23 -9.46
C3' AMP C . -21.28 13.84 -9.58
O3' AMP C . -21.31 15.23 -9.92
C2' AMP C . -20.91 13.02 -10.82
O2' AMP C . -21.47 13.50 -12.02
C1' AMP C . -19.39 13.11 -10.82
N9 AMP C . -18.73 11.93 -11.36
C8 AMP C . -19.12 10.66 -11.15
N7 AMP C . -18.31 9.77 -11.78
C5 AMP C . -17.36 10.48 -12.41
C6 AMP C . -16.20 10.16 -13.27
N6 AMP C . -15.88 8.88 -13.57
N1 AMP C . -15.47 11.20 -13.74
C2 AMP C . -15.78 12.48 -13.45
N3 AMP C . -16.83 12.84 -12.68
C4 AMP C . -17.64 11.90 -12.15
C7A 2KA D . -2.28 -22.49 19.59
O7A 2KA D . -1.47 -23.09 20.21
C7 2KA D . -3.35 -21.69 20.32
C5 2KA D . -4.16 -20.66 19.83
C8 2KA D . -3.66 -21.85 21.66
N9 2KA D . -4.62 -20.97 21.97
C4 2KA D . -4.95 -20.23 20.87
N3 2KA D . -5.94 -19.15 20.67
C2 2KA D . -6.10 -18.52 19.36
N2 2KA D . -7.06 -17.46 19.16
N1 2KA D . -5.28 -18.95 18.26
C6 2KA D . -4.32 -20.00 18.44
O6 2KA D . -3.67 -20.32 17.51
ZN ZN E . -0.59 -29.26 27.46
O5' ADN F . 0.78 -20.10 18.09
C5' ADN F . 0.86 -19.69 16.73
C4' ADN F . 1.94 -18.65 16.52
O4' ADN F . 1.61 -17.44 17.22
C3' ADN F . 3.32 -19.01 17.04
O3' ADN F . 4.04 -19.86 16.15
C2' ADN F . 3.97 -17.64 17.23
O2' ADN F . 4.41 -17.12 15.99
C1' ADN F . 2.78 -16.81 17.70
N9 ADN F . 2.69 -16.69 19.16
C8 ADN F . 1.94 -17.44 20.04
N7 ADN F . 2.07 -17.07 21.28
C5 ADN F . 2.94 -16.02 21.24
C6 ADN F . 3.48 -15.17 22.22
N6 ADN F . 3.20 -15.29 23.51
N1 ADN F . 4.34 -14.21 21.83
C2 ADN F . 4.62 -14.09 20.54
N3 ADN F . 4.18 -14.82 19.52
C4 ADN F . 3.34 -15.76 19.92
#